data_2AVD
#
_entry.id   2AVD
#
_cell.length_a   51.882
_cell.length_b   65.222
_cell.length_c   61.799
_cell.angle_alpha   90.00
_cell.angle_beta   102.66
_cell.angle_gamma   90.00
#
_symmetry.space_group_name_H-M   'P 1 21 1'
#
loop_
_entity.id
_entity.type
_entity.pdbx_description
1 polymer Catechol-O-methyltransferase
2 non-polymer S-ADENOSYLMETHIONINE
3 water water
#
_entity_poly.entity_id   1
_entity_poly.type   'polypeptide(L)'
_entity_poly.pdbx_seq_one_letter_code
;GSPPWRGRREQCLLPPEDSRLWQYLLSRSMREHPALRSLRLLTLEQPQGDSMMTCEQAQLLANLARLIQAKKALDLGTFT
GYSALALALALPADGRVVTCEVDAQPPELGRPLWRQAEAEHKIDLRLKPALETLDELLAAGEAGTFDVAVVDADKENCSA
YYERCLQLLRPGGILAVLRVLWRGKVLQPPKGDVAAECVRNLNERIRRDVRVYISLLPLGDGLTLAFKI
;
_entity_poly.pdbx_strand_id   A,B
#
loop_
_chem_comp.id
_chem_comp.type
_chem_comp.name
_chem_comp.formula
SAM non-polymer S-ADENOSYLMETHIONINE 'C15 H22 N6 O5 S'
#
# COMPACT_ATOMS: atom_id res chain seq x y z
N GLN A 11 3.55 -8.96 20.01
CA GLN A 11 2.12 -8.59 19.80
C GLN A 11 1.86 -7.56 18.68
N CYS A 12 2.78 -6.60 18.54
CA CYS A 12 2.64 -5.44 17.64
C CYS A 12 3.91 -5.20 16.89
N LEU A 13 3.79 -4.90 15.61
CA LEU A 13 4.94 -4.49 14.84
C LEU A 13 5.25 -3.01 15.00
N LEU A 14 4.25 -2.24 15.45
CA LEU A 14 4.38 -0.78 15.48
C LEU A 14 4.41 -0.21 16.90
N PRO A 15 5.02 0.98 17.07
CA PRO A 15 4.98 1.63 18.38
C PRO A 15 3.57 2.19 18.64
N PRO A 16 3.31 2.72 19.84
CA PRO A 16 2.02 3.36 20.12
C PRO A 16 1.68 4.49 19.14
N GLU A 17 0.39 4.72 18.93
CA GLU A 17 -0.08 5.74 18.00
C GLU A 17 0.42 7.14 18.35
N ASP A 18 0.63 7.40 19.64
CA ASP A 18 1.03 8.76 20.07
C ASP A 18 2.56 8.98 20.08
N SER A 19 3.33 7.99 19.61
CA SER A 19 4.77 8.14 19.56
C SER A 19 5.18 9.17 18.48
N ARG A 20 6.30 9.88 18.72
CA ARG A 20 6.73 11.00 17.88
C ARG A 20 6.86 10.71 16.37
N LEU A 21 7.58 9.63 16.04
CA LEU A 21 7.80 9.26 14.64
C LEU A 21 6.49 8.83 13.95
N TRP A 22 5.64 8.10 14.69
CA TRP A 22 4.32 7.75 14.14
C TRP A 22 3.46 9.01 13.90
N GLN A 23 3.46 9.94 14.87
CA GLN A 23 2.72 11.19 14.70
C GLN A 23 3.19 11.96 13.46
N TYR A 24 4.50 11.86 13.19
CA TYR A 24 5.08 12.49 12.00
C TYR A 24 4.49 11.82 10.74
N LEU A 25 4.55 10.49 10.69
CA LEU A 25 3.99 9.77 9.56
C LEU A 25 2.54 10.18 9.30
N LEU A 26 1.73 10.28 10.36
CA LEU A 26 0.33 10.68 10.19
C LEU A 26 0.18 12.11 9.69
N SER A 27 0.84 13.05 10.38
CA SER A 27 0.72 14.46 10.03
C SER A 27 1.19 14.79 8.61
N ARG A 28 2.17 14.02 8.12
CA ARG A 28 2.74 14.24 6.80
C ARG A 28 1.98 13.51 5.67
N SER A 29 0.95 12.76 6.06
CA SER A 29 0.18 11.99 5.07
C SER A 29 -1.33 12.19 5.13
N MET A 30 -1.89 12.39 6.34
CA MET A 30 -3.35 12.30 6.52
C MET A 30 -4.11 13.46 5.89
N ARG A 31 -5.17 13.14 5.15
CA ARG A 31 -6.06 14.11 4.51
C ARG A 31 -7.55 13.71 4.62
N GLU A 32 -8.01 13.51 5.87
CA GLU A 32 -9.38 13.12 6.08
C GLU A 32 -10.27 14.28 5.70
N HIS A 33 -11.32 13.99 4.95
CA HIS A 33 -12.44 14.94 4.80
C HIS A 33 -12.91 15.32 6.21
N PRO A 34 -13.28 16.62 6.43
CA PRO A 34 -13.73 17.03 7.79
C PRO A 34 -14.79 16.10 8.43
N ALA A 35 -15.77 15.63 7.66
CA ALA A 35 -16.78 14.70 8.18
C ALA A 35 -16.16 13.38 8.62
N LEU A 36 -15.18 12.91 7.86
CA LEU A 36 -14.51 11.64 8.18
C LEU A 36 -13.69 11.79 9.47
N ARG A 37 -13.01 12.92 9.60
CA ARG A 37 -12.29 13.26 10.82
C ARG A 37 -13.25 13.32 12.03
N SER A 38 -14.37 14.03 11.86
CA SER A 38 -15.39 14.12 12.90
C SER A 38 -15.97 12.77 13.29
N LEU A 39 -16.23 11.91 12.29
CA LEU A 39 -16.64 10.53 12.58
C LEU A 39 -15.61 9.78 13.45
N ARG A 40 -14.32 9.91 13.13
CA ARG A 40 -13.27 9.26 13.92
C ARG A 40 -13.31 9.77 15.35
N LEU A 41 -13.30 11.09 15.51
CA LEU A 41 -13.25 11.68 16.85
C LEU A 41 -14.48 11.28 17.68
N LEU A 42 -15.65 11.32 17.07
CA LEU A 42 -16.90 10.89 17.73
C LEU A 42 -16.84 9.41 18.16
N THR A 43 -16.38 8.56 17.26
CA THR A 43 -16.26 7.12 17.52
C THR A 43 -15.34 6.89 18.71
N LEU A 44 -14.26 7.66 18.78
CA LEU A 44 -13.26 7.50 19.86
C LEU A 44 -13.76 7.96 21.23
N GLU A 45 -14.88 8.69 21.25
CA GLU A 45 -15.58 9.01 22.52
C GLU A 45 -16.47 7.87 23.07
N GLN A 46 -16.55 6.77 22.31
CA GLN A 46 -17.42 5.63 22.66
C GLN A 46 -16.63 4.45 23.26
N PRO A 47 -17.27 3.67 24.18
CA PRO A 47 -16.66 2.39 24.58
C PRO A 47 -16.31 1.57 23.32
N GLN A 48 -15.12 0.96 23.33
CA GLN A 48 -14.61 0.15 22.19
C GLN A 48 -14.43 0.95 20.90
N GLY A 49 -14.41 2.28 21.02
CA GLY A 49 -14.30 3.18 19.84
C GLY A 49 -13.04 2.88 19.03
N ASP A 50 -11.98 2.43 19.70
CA ASP A 50 -10.71 2.13 19.04
C ASP A 50 -10.74 0.80 18.26
N SER A 51 -11.89 0.13 18.26
CA SER A 51 -12.14 -0.98 17.31
C SER A 51 -12.20 -0.50 15.86
N MET A 52 -12.41 0.81 15.68
CA MET A 52 -12.41 1.39 14.33
C MET A 52 -11.04 1.14 13.69
N MET A 53 -10.98 0.93 12.37
CA MET A 53 -9.64 0.84 11.79
C MET A 53 -8.95 2.21 11.85
N THR A 54 -7.64 2.18 12.02
CA THR A 54 -6.85 3.41 12.11
C THR A 54 -7.02 4.28 10.85
N CYS A 55 -6.88 5.59 11.03
CA CYS A 55 -7.10 6.54 9.95
C CYS A 55 -6.22 6.29 8.71
N GLU A 56 -4.96 5.90 8.92
CA GLU A 56 -4.07 5.69 7.74
C GLU A 56 -4.40 4.41 6.98
N GLN A 57 -4.96 3.42 7.67
CA GLN A 57 -5.41 2.22 6.97
C GLN A 57 -6.60 2.58 6.10
N ALA A 58 -7.61 3.25 6.68
CA ALA A 58 -8.77 3.69 5.89
C ALA A 58 -8.32 4.54 4.70
N GLN A 59 -7.37 5.44 4.93
CA GLN A 59 -6.86 6.31 3.86
C GLN A 59 -6.14 5.53 2.78
N LEU A 60 -5.32 4.55 3.17
CA LEU A 60 -4.69 3.71 2.14
C LEU A 60 -5.74 3.04 1.25
N LEU A 61 -6.73 2.42 1.89
CA LEU A 61 -7.80 1.72 1.18
C LEU A 61 -8.58 2.66 0.25
N ALA A 62 -8.93 3.86 0.75
CA ALA A 62 -9.64 4.87 -0.03
C ALA A 62 -8.76 5.31 -1.21
N ASN A 63 -7.48 5.49 -0.96
CA ASN A 63 -6.54 5.89 -2.01
C ASN A 63 -6.45 4.83 -3.11
N LEU A 64 -6.34 3.57 -2.72
CA LEU A 64 -6.26 2.50 -3.72
C LEU A 64 -7.59 2.39 -4.51
N ALA A 65 -8.73 2.58 -3.84
CA ALA A 65 -10.03 2.62 -4.52
C ALA A 65 -10.04 3.72 -5.59
N ARG A 66 -9.58 4.92 -5.22
CA ARG A 66 -9.49 6.02 -6.17
C ARG A 66 -8.52 5.69 -7.30
N LEU A 67 -7.37 5.14 -6.93
CA LEU A 67 -6.36 4.78 -7.93
C LEU A 67 -6.96 3.93 -9.07
N ILE A 68 -7.76 2.92 -8.69
CA ILE A 68 -8.34 1.98 -9.68
C ILE A 68 -9.72 2.43 -10.22
N GLN A 69 -10.10 3.67 -9.92
CA GLN A 69 -11.37 4.26 -10.35
C GLN A 69 -12.57 3.38 -9.93
N ALA A 70 -12.49 2.86 -8.69
CA ALA A 70 -13.57 2.08 -8.10
C ALA A 70 -14.93 2.80 -8.21
N LYS A 71 -15.96 2.01 -8.51
CA LYS A 71 -17.37 2.41 -8.54
C LYS A 71 -18.22 1.62 -7.54
N LYS A 72 -17.79 0.40 -7.18
CA LYS A 72 -18.54 -0.45 -6.25
C LYS A 72 -17.57 -1.03 -5.24
N ALA A 73 -17.92 -0.90 -3.96
CA ALA A 73 -17.11 -1.41 -2.87
C ALA A 73 -17.99 -2.20 -1.89
N LEU A 74 -17.35 -3.14 -1.23
CA LEU A 74 -17.99 -3.92 -0.18
C LEU A 74 -17.22 -3.63 1.10
N ASP A 75 -17.94 -3.35 2.19
CA ASP A 75 -17.35 -3.02 3.46
C ASP A 75 -18.02 -3.90 4.53
N LEU A 76 -17.28 -4.91 5.00
CA LEU A 76 -17.84 -5.88 5.94
C LEU A 76 -17.41 -5.47 7.34
N GLY A 77 -18.40 -5.20 8.18
CA GLY A 77 -18.18 -4.73 9.55
C GLY A 77 -18.27 -3.23 9.61
N THR A 78 -19.47 -2.70 9.41
CA THR A 78 -19.69 -1.26 9.34
C THR A 78 -19.18 -0.52 10.60
N PHE A 79 -19.51 -1.06 11.77
CA PHE A 79 -19.30 -0.38 13.04
C PHE A 79 -19.98 0.98 12.94
N THR A 80 -19.26 2.07 13.23
CA THR A 80 -19.86 3.42 13.12
C THR A 80 -19.84 3.98 11.69
N GLY A 81 -19.33 3.21 10.73
CA GLY A 81 -19.30 3.64 9.31
C GLY A 81 -18.04 4.35 8.85
N TYR A 82 -16.97 4.25 9.63
CA TYR A 82 -15.72 4.93 9.28
C TYR A 82 -15.09 4.44 7.96
N SER A 83 -14.86 3.12 7.84
CA SER A 83 -14.29 2.60 6.58
C SER A 83 -15.30 2.77 5.41
N ALA A 84 -16.59 2.64 5.70
CA ALA A 84 -17.64 2.82 4.68
C ALA A 84 -17.55 4.24 4.11
N LEU A 85 -17.45 5.23 5.00
CA LEU A 85 -17.37 6.62 4.57
C LEU A 85 -16.06 6.92 3.85
N ALA A 86 -14.94 6.41 4.39
CA ALA A 86 -13.65 6.56 3.73
C ALA A 86 -13.74 6.07 2.27
N LEU A 87 -14.31 4.89 2.08
CA LEU A 87 -14.48 4.32 0.73
C LEU A 87 -15.41 5.18 -0.14
N ALA A 88 -16.60 5.51 0.38
CA ALA A 88 -17.59 6.33 -0.33
C ALA A 88 -16.97 7.63 -0.89
N LEU A 89 -16.11 8.27 -0.08
CA LEU A 89 -15.48 9.52 -0.50
C LEU A 89 -14.45 9.35 -1.63
N ALA A 90 -14.02 8.13 -1.88
CA ALA A 90 -13.06 7.84 -2.96
C ALA A 90 -13.78 7.48 -4.27
N LEU A 91 -15.11 7.37 -4.21
CA LEU A 91 -15.94 6.94 -5.36
C LEU A 91 -16.64 8.13 -6.05
N PRO A 92 -16.97 7.98 -7.35
CA PRO A 92 -17.73 9.03 -8.06
C PRO A 92 -19.14 9.11 -7.52
N ALA A 93 -19.90 10.10 -8.03
CA ALA A 93 -21.24 10.40 -7.58
C ALA A 93 -22.16 9.19 -7.57
N ASP A 94 -21.99 8.30 -8.55
CA ASP A 94 -22.87 7.17 -8.74
C ASP A 94 -22.26 5.91 -8.12
N GLY A 95 -21.19 6.11 -7.36
CA GLY A 95 -20.51 4.99 -6.68
C GLY A 95 -21.41 4.43 -5.58
N ARG A 96 -21.13 3.21 -5.17
CA ARG A 96 -21.90 2.58 -4.10
C ARG A 96 -20.99 1.76 -3.19
N VAL A 97 -21.19 1.89 -1.87
CA VAL A 97 -20.52 1.03 -0.92
C VAL A 97 -21.59 0.21 -0.21
N VAL A 98 -21.54 -1.11 -0.38
CA VAL A 98 -22.46 -1.99 0.36
C VAL A 98 -21.76 -2.29 1.68
N THR A 99 -22.30 -1.77 2.78
CA THR A 99 -21.67 -1.95 4.08
C THR A 99 -22.57 -2.85 4.96
N CYS A 100 -21.94 -3.80 5.64
CA CYS A 100 -22.66 -4.93 6.30
C CYS A 100 -22.39 -4.93 7.80
N GLU A 101 -23.45 -5.08 8.59
CA GLU A 101 -23.33 -4.95 10.04
C GLU A 101 -24.50 -5.69 10.69
N VAL A 102 -24.27 -6.28 11.87
CA VAL A 102 -25.35 -6.94 12.64
C VAL A 102 -25.92 -6.07 13.77
N ASP A 103 -25.12 -5.13 14.26
CA ASP A 103 -25.42 -4.24 15.39
C ASP A 103 -25.97 -2.90 14.86
N ALA A 104 -27.27 -2.67 15.03
CA ALA A 104 -27.95 -1.47 14.51
C ALA A 104 -27.46 -0.14 15.10
N GLN A 105 -26.95 -0.17 16.33
CA GLN A 105 -26.60 1.05 17.06
C GLN A 105 -25.42 1.85 16.49
N PRO A 106 -24.24 1.19 16.35
CA PRO A 106 -23.08 1.98 15.89
C PRO A 106 -23.30 2.73 14.55
N PRO A 107 -23.91 2.08 13.52
CA PRO A 107 -24.18 2.87 12.30
C PRO A 107 -25.02 4.13 12.50
N GLU A 108 -25.95 4.10 13.46
CA GLU A 108 -26.73 5.29 13.83
C GLU A 108 -25.84 6.46 14.29
N LEU A 109 -24.75 6.12 14.97
CA LEU A 109 -23.75 7.09 15.38
C LEU A 109 -23.12 7.80 14.19
N GLY A 110 -22.70 7.01 13.20
CA GLY A 110 -21.99 7.57 12.04
C GLY A 110 -22.85 8.25 10.99
N ARG A 111 -24.11 7.83 10.86
CA ARG A 111 -24.95 8.34 9.77
C ARG A 111 -24.96 9.90 9.60
N PRO A 112 -25.03 10.67 10.70
CA PRO A 112 -24.96 12.14 10.52
C PRO A 112 -23.70 12.61 9.80
N LEU A 113 -22.59 11.92 10.02
CA LEU A 113 -21.35 12.24 9.31
C LEU A 113 -21.39 11.79 7.86
N TRP A 114 -22.03 10.65 7.58
CA TRP A 114 -22.31 10.25 6.18
C TRP A 114 -23.07 11.38 5.48
N ARG A 115 -24.08 11.93 6.16
CA ARG A 115 -24.89 13.00 5.59
C ARG A 115 -24.05 14.27 5.36
N GLN A 116 -23.27 14.65 6.38
CA GLN A 116 -22.38 15.81 6.28
C GLN A 116 -21.44 15.72 5.05
N ALA A 117 -20.99 14.50 4.77
CA ALA A 117 -20.09 14.23 3.67
C ALA A 117 -20.76 14.10 2.29
N GLU A 118 -22.09 14.25 2.25
CA GLU A 118 -22.88 14.05 1.02
C GLU A 118 -22.75 12.62 0.47
N ALA A 119 -22.57 11.66 1.40
CA ALA A 119 -22.29 10.28 1.02
C ALA A 119 -23.40 9.28 1.35
N GLU A 120 -24.51 9.75 1.92
CA GLU A 120 -25.62 8.84 2.26
C GLU A 120 -26.19 8.05 1.08
N HIS A 121 -26.29 8.70 -0.08
CA HIS A 121 -26.81 8.01 -1.25
C HIS A 121 -25.82 6.95 -1.78
N LYS A 122 -24.56 7.10 -1.41
CA LYS A 122 -23.50 6.18 -1.83
C LYS A 122 -23.40 4.98 -0.88
N ILE A 123 -23.81 5.17 0.38
CA ILE A 123 -23.64 4.11 1.38
C ILE A 123 -24.92 3.30 1.54
N ASP A 124 -24.81 2.02 1.23
CA ASP A 124 -25.93 1.09 1.21
C ASP A 124 -25.79 0.16 2.43
N LEU A 125 -26.45 0.52 3.52
CA LEU A 125 -26.30 -0.23 4.77
C LEU A 125 -27.18 -1.49 4.78
N ARG A 126 -26.57 -2.65 5.02
CA ARG A 126 -27.31 -3.91 5.09
C ARG A 126 -27.18 -4.45 6.50
N LEU A 127 -28.24 -4.26 7.28
CA LEU A 127 -28.27 -4.65 8.68
C LEU A 127 -28.71 -6.12 8.82
N LYS A 128 -27.73 -7.02 8.75
CA LYS A 128 -27.93 -8.47 8.88
C LYS A 128 -26.54 -9.10 8.77
N PRO A 129 -26.40 -10.41 9.07
CA PRO A 129 -25.08 -11.03 8.95
C PRO A 129 -24.51 -10.85 7.53
N ALA A 130 -23.23 -10.49 7.47
CA ALA A 130 -22.55 -10.26 6.19
C ALA A 130 -22.66 -11.45 5.25
N LEU A 131 -22.61 -12.67 5.79
CA LEU A 131 -22.66 -13.86 4.93
C LEU A 131 -23.93 -13.90 4.09
N GLU A 132 -25.04 -13.51 4.73
CA GLU A 132 -26.35 -13.45 4.07
C GLU A 132 -26.31 -12.43 2.94
N THR A 133 -25.76 -11.26 3.21
CA THR A 133 -25.71 -10.22 2.17
C THR A 133 -24.84 -10.67 1.00
N LEU A 134 -23.70 -11.27 1.33
CA LEU A 134 -22.78 -11.76 0.28
C LEU A 134 -23.48 -12.78 -0.63
N ASP A 135 -24.24 -13.70 -0.03
CA ASP A 135 -24.96 -14.70 -0.82
C ASP A 135 -26.02 -14.06 -1.70
N GLU A 136 -26.70 -13.06 -1.16
CA GLU A 136 -27.71 -12.32 -1.93
C GLU A 136 -27.12 -11.64 -3.15
N LEU A 137 -25.98 -10.96 -2.96
CA LEU A 137 -25.32 -10.26 -4.09
C LEU A 137 -24.91 -11.26 -5.17
N LEU A 138 -24.37 -12.41 -4.76
CA LEU A 138 -23.96 -13.43 -5.72
C LEU A 138 -25.19 -14.03 -6.45
N ALA A 139 -26.27 -14.30 -5.70
CA ALA A 139 -27.54 -14.77 -6.29
C ALA A 139 -28.10 -13.76 -7.30
N ALA A 140 -27.91 -12.48 -7.01
CA ALA A 140 -28.35 -11.38 -7.88
C ALA A 140 -27.50 -11.17 -9.13
N GLY A 141 -26.46 -11.98 -9.31
CA GLY A 141 -25.64 -11.91 -10.52
C GLY A 141 -24.54 -10.87 -10.46
N GLU A 142 -24.15 -10.47 -9.26
CA GLU A 142 -23.10 -9.47 -9.08
C GLU A 142 -21.65 -10.00 -9.02
N ALA A 143 -21.44 -11.31 -9.22
CA ALA A 143 -20.05 -11.80 -9.30
C ALA A 143 -19.22 -11.03 -10.33
N GLY A 144 -17.97 -10.74 -9.96
CA GLY A 144 -17.04 -10.09 -10.89
C GLY A 144 -17.32 -8.62 -11.16
N THR A 145 -18.17 -7.98 -10.34
CA THR A 145 -18.53 -6.57 -10.53
C THR A 145 -18.07 -5.56 -9.45
N PHE A 146 -17.59 -6.03 -8.30
CA PHE A 146 -17.05 -5.13 -7.28
C PHE A 146 -15.58 -4.81 -7.52
N ASP A 147 -15.17 -3.62 -7.10
CA ASP A 147 -13.82 -3.13 -7.31
C ASP A 147 -12.94 -3.25 -6.09
N VAL A 148 -13.55 -3.12 -4.89
CA VAL A 148 -12.82 -3.18 -3.61
C VAL A 148 -13.71 -3.86 -2.56
N ALA A 149 -13.11 -4.74 -1.75
CA ALA A 149 -13.85 -5.45 -0.70
C ALA A 149 -12.98 -5.36 0.56
N VAL A 150 -13.58 -4.91 1.67
CA VAL A 150 -12.86 -4.74 2.94
C VAL A 150 -13.46 -5.70 3.97
N VAL A 151 -12.62 -6.62 4.48
CA VAL A 151 -13.10 -7.72 5.33
C VAL A 151 -12.67 -7.38 6.75
N ASP A 152 -13.58 -6.78 7.51
CA ASP A 152 -13.29 -6.29 8.86
C ASP A 152 -14.47 -6.55 9.78
N ALA A 153 -15.07 -7.75 9.67
CA ALA A 153 -16.14 -8.11 10.58
C ALA A 153 -15.66 -9.13 11.61
N ASP A 154 -16.44 -10.16 11.87
CA ASP A 154 -16.06 -11.21 12.83
C ASP A 154 -15.01 -12.11 12.20
N LYS A 155 -14.14 -12.68 13.03
CA LYS A 155 -13.18 -13.67 12.52
C LYS A 155 -13.74 -15.08 12.27
N GLU A 156 -14.84 -15.45 12.96
CA GLU A 156 -15.42 -16.78 12.81
C GLU A 156 -15.71 -17.13 11.36
N ASN A 157 -16.23 -16.15 10.61
CA ASN A 157 -16.62 -16.38 9.23
C ASN A 157 -15.66 -15.79 8.18
N CYS A 158 -14.42 -15.46 8.59
CA CYS A 158 -13.53 -14.66 7.71
C CYS A 158 -13.14 -15.44 6.45
N SER A 159 -13.07 -16.76 6.56
CA SER A 159 -12.71 -17.59 5.38
C SER A 159 -13.83 -17.58 4.34
N ALA A 160 -15.06 -17.76 4.81
CA ALA A 160 -16.24 -17.60 3.97
C ALA A 160 -16.32 -16.20 3.33
N TYR A 161 -15.99 -15.15 4.10
CA TYR A 161 -16.00 -13.75 3.59
C TYR A 161 -15.00 -13.61 2.46
N TYR A 162 -13.79 -14.11 2.71
CA TYR A 162 -12.71 -14.07 1.70
C TYR A 162 -13.18 -14.67 0.39
N GLU A 163 -13.71 -15.90 0.45
CA GLU A 163 -14.14 -16.58 -0.77
C GLU A 163 -15.26 -15.82 -1.51
N ARG A 164 -16.28 -15.40 -0.77
CA ARG A 164 -17.41 -14.69 -1.41
C ARG A 164 -16.94 -13.36 -1.99
N CYS A 165 -16.14 -12.61 -1.22
CA CYS A 165 -15.61 -11.34 -1.72
C CYS A 165 -14.78 -11.54 -2.98
N LEU A 166 -13.93 -12.56 -2.99
CA LEU A 166 -13.09 -12.84 -4.17
C LEU A 166 -13.96 -13.08 -5.38
N GLN A 167 -15.07 -13.81 -5.19
CA GLN A 167 -15.98 -14.05 -6.30
C GLN A 167 -16.69 -12.78 -6.77
N LEU A 168 -17.04 -11.92 -5.81
CA LEU A 168 -17.71 -10.67 -6.12
C LEU A 168 -16.79 -9.63 -6.79
N LEU A 169 -15.48 -9.75 -6.58
CA LEU A 169 -14.53 -8.81 -7.19
C LEU A 169 -14.28 -9.12 -8.65
N ARG A 170 -14.07 -8.07 -9.42
CA ARG A 170 -13.60 -8.18 -10.80
C ARG A 170 -12.11 -8.50 -10.82
N PRO A 171 -11.60 -9.03 -11.96
CA PRO A 171 -10.15 -9.03 -12.16
C PRO A 171 -9.63 -7.62 -11.91
N GLY A 172 -8.51 -7.53 -11.19
CA GLY A 172 -7.89 -6.24 -10.84
C GLY A 172 -8.50 -5.60 -9.60
N GLY A 173 -9.52 -6.24 -9.01
CA GLY A 173 -10.12 -5.76 -7.77
C GLY A 173 -9.20 -5.98 -6.58
N ILE A 174 -9.50 -5.27 -5.50
CA ILE A 174 -8.67 -5.32 -4.29
C ILE A 174 -9.46 -5.93 -3.12
N LEU A 175 -8.90 -6.95 -2.49
CA LEU A 175 -9.56 -7.58 -1.33
C LEU A 175 -8.65 -7.30 -0.13
N ALA A 176 -9.14 -6.49 0.79
CA ALA A 176 -8.37 -6.11 1.97
C ALA A 176 -8.88 -6.92 3.17
N VAL A 177 -7.96 -7.54 3.92
CA VAL A 177 -8.35 -8.21 5.15
C VAL A 177 -7.65 -7.51 6.32
N LEU A 178 -8.46 -7.05 7.28
CA LEU A 178 -7.92 -6.32 8.41
C LEU A 178 -7.56 -7.27 9.55
N ARG A 179 -6.66 -6.84 10.42
CA ARG A 179 -6.40 -7.54 11.69
C ARG A 179 -5.98 -9.00 11.45
N VAL A 180 -5.01 -9.17 10.56
CA VAL A 180 -4.56 -10.53 10.19
C VAL A 180 -3.46 -11.09 11.11
N LEU A 181 -2.90 -10.26 12.00
CA LEU A 181 -1.89 -10.75 12.94
C LEU A 181 -2.51 -11.15 14.30
N TRP A 182 -3.71 -10.64 14.57
CA TRP A 182 -4.49 -10.97 15.78
C TRP A 182 -3.67 -10.82 17.07
N ARG A 183 -3.05 -9.65 17.21
CA ARG A 183 -2.20 -9.30 18.35
C ARG A 183 -1.09 -10.32 18.60
N GLY A 184 -0.59 -10.93 17.53
CA GLY A 184 0.47 -11.94 17.63
C GLY A 184 0.02 -13.36 17.92
N LYS A 185 -1.27 -13.55 18.16
CA LYS A 185 -1.78 -14.90 18.46
C LYS A 185 -1.72 -15.86 17.26
N VAL A 186 -1.53 -15.31 16.06
CA VAL A 186 -1.34 -16.17 14.87
C VAL A 186 -0.09 -17.05 15.00
N LEU A 187 0.87 -16.59 15.79
CA LEU A 187 2.15 -17.30 15.98
C LEU A 187 1.95 -18.67 16.62
N GLN A 188 1.06 -18.74 17.60
CA GLN A 188 0.69 -19.96 18.31
C GLN A 188 -0.67 -19.70 18.95
N PRO A 189 -1.76 -19.97 18.21
CA PRO A 189 -3.11 -19.69 18.75
C PRO A 189 -3.36 -20.48 20.05
N PRO A 190 -3.76 -19.78 21.14
CA PRO A 190 -4.01 -20.53 22.38
C PRO A 190 -5.11 -21.58 22.21
N LYS A 191 -5.10 -22.61 23.07
CA LYS A 191 -6.13 -23.66 23.02
C LYS A 191 -7.50 -23.05 23.23
N GLY A 192 -8.46 -23.47 22.39
CA GLY A 192 -9.83 -22.99 22.47
C GLY A 192 -10.03 -21.59 21.92
N ASP A 193 -8.97 -20.98 21.39
CA ASP A 193 -9.04 -19.65 20.80
C ASP A 193 -9.45 -19.79 19.33
N VAL A 194 -10.77 -19.88 19.12
CA VAL A 194 -11.35 -20.13 17.81
C VAL A 194 -11.07 -18.99 16.82
N ALA A 195 -11.16 -17.73 17.27
CA ALA A 195 -10.89 -16.59 16.38
C ALA A 195 -9.44 -16.60 15.89
N ALA A 196 -8.50 -16.76 16.82
CA ALA A 196 -7.07 -16.85 16.48
C ALA A 196 -6.75 -17.96 15.46
N GLU A 197 -7.38 -19.13 15.64
CA GLU A 197 -7.29 -20.24 14.69
C GLU A 197 -7.89 -19.87 13.32
N CYS A 198 -9.04 -19.19 13.32
CA CYS A 198 -9.61 -18.69 12.07
C CYS A 198 -8.66 -17.74 11.31
N VAL A 199 -8.05 -16.80 12.04
CA VAL A 199 -7.12 -15.84 11.43
C VAL A 199 -5.92 -16.60 10.84
N ARG A 200 -5.32 -17.46 11.65
CA ARG A 200 -4.19 -18.27 11.22
C ARG A 200 -4.52 -19.09 9.94
N ASN A 201 -5.66 -19.77 9.95
CA ASN A 201 -6.06 -20.58 8.81
C ASN A 201 -6.21 -19.77 7.51
N LEU A 202 -6.87 -18.63 7.61
CA LEU A 202 -7.03 -17.78 6.42
C LEU A 202 -5.68 -17.31 5.86
N ASN A 203 -4.77 -16.91 6.74
CA ASN A 203 -3.43 -16.50 6.30
C ASN A 203 -2.70 -17.56 5.49
N GLU A 204 -2.81 -18.83 5.91
CA GLU A 204 -2.23 -19.94 5.15
C GLU A 204 -2.89 -20.12 3.78
N ARG A 205 -4.21 -19.95 3.70
CA ARG A 205 -4.91 -20.04 2.43
C ARG A 205 -4.51 -18.92 1.49
N ILE A 206 -4.55 -17.67 1.98
CA ILE A 206 -4.15 -16.53 1.14
C ILE A 206 -2.69 -16.66 0.64
N ARG A 207 -1.79 -17.01 1.56
CA ARG A 207 -0.37 -17.25 1.25
C ARG A 207 -0.22 -18.13 0.00
N ARG A 208 -1.02 -19.20 -0.05
CA ARG A 208 -0.95 -20.21 -1.12
C ARG A 208 -1.80 -19.91 -2.35
N ASP A 209 -2.60 -18.84 -2.27
CA ASP A 209 -3.70 -18.62 -3.19
C ASP A 209 -3.18 -18.10 -4.54
N VAL A 210 -3.29 -18.94 -5.57
CA VAL A 210 -2.85 -18.53 -6.93
C VAL A 210 -3.79 -17.52 -7.63
N ARG A 211 -5.00 -17.35 -7.10
CA ARG A 211 -5.98 -16.44 -7.71
C ARG A 211 -5.65 -14.96 -7.48
N VAL A 212 -4.69 -14.69 -6.60
CA VAL A 212 -4.37 -13.34 -6.19
C VAL A 212 -2.84 -13.13 -6.13
N TYR A 213 -2.42 -11.87 -6.11
CA TYR A 213 -1.04 -11.53 -5.72
C TYR A 213 -1.21 -10.64 -4.50
N ILE A 214 -0.27 -10.71 -3.56
CA ILE A 214 -0.56 -10.27 -2.19
C ILE A 214 0.57 -9.46 -1.56
N SER A 215 0.18 -8.57 -0.66
CA SER A 215 1.08 -7.87 0.26
C SER A 215 0.43 -7.90 1.65
N LEU A 216 1.26 -8.14 2.66
CA LEU A 216 0.87 -8.03 4.03
C LEU A 216 1.69 -6.88 4.62
N LEU A 217 0.98 -5.91 5.18
CA LEU A 217 1.56 -4.65 5.63
C LEU A 217 1.43 -4.51 7.15
N PRO A 218 2.48 -3.92 7.78
CA PRO A 218 2.51 -3.75 9.24
C PRO A 218 1.75 -2.47 9.64
N LEU A 219 0.49 -2.40 9.27
CA LEU A 219 -0.41 -1.33 9.74
C LEU A 219 -1.42 -1.94 10.67
N GLY A 220 -1.84 -1.16 11.67
CA GLY A 220 -2.84 -1.61 12.65
C GLY A 220 -2.43 -2.94 13.27
N ASP A 221 -3.30 -3.93 13.13
CA ASP A 221 -3.04 -5.30 13.62
C ASP A 221 -2.74 -6.22 12.42
N GLY A 222 -2.04 -5.64 11.45
CA GLY A 222 -1.68 -6.34 10.18
C GLY A 222 -2.78 -6.17 9.14
N LEU A 223 -2.37 -5.83 7.91
CA LEU A 223 -3.33 -5.60 6.82
C LEU A 223 -2.88 -6.38 5.60
N THR A 224 -3.72 -7.30 5.12
CA THR A 224 -3.45 -8.02 3.87
C THR A 224 -4.18 -7.36 2.71
N LEU A 225 -3.44 -7.11 1.64
CA LEU A 225 -4.02 -6.64 0.40
C LEU A 225 -3.85 -7.78 -0.60
N ALA A 226 -4.97 -8.27 -1.11
CA ALA A 226 -4.94 -9.33 -2.11
C ALA A 226 -5.52 -8.76 -3.40
N PHE A 227 -4.71 -8.75 -4.45
CA PHE A 227 -5.10 -8.20 -5.77
C PHE A 227 -5.59 -9.37 -6.66
N LYS A 228 -6.81 -9.27 -7.16
CA LYS A 228 -7.40 -10.38 -7.91
C LYS A 228 -6.85 -10.44 -9.32
N ILE A 229 -6.44 -11.64 -9.71
CA ILE A 229 -5.97 -11.86 -11.08
C ILE A 229 -7.16 -12.00 -12.04
N GLN B 11 13.77 6.29 15.79
CA GLN B 11 14.61 6.06 14.56
C GLN B 11 13.97 5.13 13.56
N CYS B 12 13.26 4.12 14.07
CA CYS B 12 12.71 3.04 13.26
C CYS B 12 11.35 2.64 13.82
N LEU B 13 10.35 2.55 12.94
CA LEU B 13 8.98 2.20 13.35
C LEU B 13 8.77 0.68 13.55
N LEU B 14 9.62 -0.13 12.95
CA LEU B 14 9.45 -1.57 12.96
C LEU B 14 10.50 -2.24 13.82
N PRO B 15 10.22 -3.49 14.27
CA PRO B 15 11.22 -4.23 15.06
C PRO B 15 12.41 -4.70 14.21
N PRO B 16 13.48 -5.20 14.85
CA PRO B 16 14.55 -5.90 14.11
C PRO B 16 14.03 -7.00 13.19
N GLU B 17 14.76 -7.25 12.10
CA GLU B 17 14.39 -8.26 11.09
C GLU B 17 14.16 -9.65 11.69
N ASP B 18 14.85 -9.93 12.79
CA ASP B 18 14.79 -11.24 13.47
C ASP B 18 13.53 -11.43 14.33
N SER B 19 12.71 -10.39 14.45
CA SER B 19 11.44 -10.48 15.18
C SER B 19 10.61 -11.65 14.61
N ARG B 20 10.05 -12.48 15.48
CA ARG B 20 9.21 -13.59 15.02
C ARG B 20 7.96 -13.11 14.30
N LEU B 21 7.35 -12.03 14.78
CA LEU B 21 6.13 -11.51 14.15
C LEU B 21 6.46 -10.92 12.77
N TRP B 22 7.60 -10.24 12.67
CA TRP B 22 8.04 -9.74 11.36
C TRP B 22 8.33 -10.89 10.39
N GLN B 23 8.98 -11.95 10.89
CA GLN B 23 9.26 -13.14 10.07
C GLN B 23 7.98 -13.80 9.56
N TYR B 24 6.96 -13.84 10.40
CA TYR B 24 5.65 -14.35 10.04
C TYR B 24 5.03 -13.48 8.92
N LEU B 25 5.09 -12.16 9.07
CA LEU B 25 4.66 -11.23 8.00
C LEU B 25 5.30 -11.60 6.68
N LEU B 26 6.62 -11.79 6.70
CA LEU B 26 7.36 -12.07 5.47
C LEU B 26 7.01 -13.44 4.93
N SER B 27 7.05 -14.45 5.81
CA SER B 27 6.81 -15.83 5.31
C SER B 27 5.40 -16.06 4.77
N ARG B 28 4.43 -15.33 5.29
CA ARG B 28 3.02 -15.46 4.88
C ARG B 28 2.64 -14.56 3.70
N SER B 29 3.60 -13.76 3.23
CA SER B 29 3.32 -12.84 2.12
C SER B 29 4.28 -12.93 0.94
N MET B 30 5.57 -13.18 1.20
CA MET B 30 6.59 -13.06 0.16
C MET B 30 6.43 -14.11 -0.95
N ARG B 31 6.49 -13.66 -2.19
CA ARG B 31 6.50 -14.54 -3.36
C ARG B 31 7.59 -14.03 -4.29
N GLU B 32 8.83 -14.11 -3.78
CA GLU B 32 10.00 -13.53 -4.43
C GLU B 32 10.53 -14.47 -5.52
N HIS B 33 10.64 -13.93 -6.73
CA HIS B 33 11.26 -14.64 -7.86
C HIS B 33 12.68 -15.09 -7.45
N PRO B 34 13.07 -16.33 -7.80
CA PRO B 34 14.37 -16.88 -7.42
C PRO B 34 15.57 -15.98 -7.79
N ALA B 35 15.53 -15.40 -8.98
CA ALA B 35 16.58 -14.48 -9.46
C ALA B 35 16.61 -13.19 -8.62
N LEU B 36 15.43 -12.66 -8.33
CA LEU B 36 15.28 -11.52 -7.41
C LEU B 36 15.82 -11.84 -6.01
N ARG B 37 15.43 -13.00 -5.48
CA ARG B 37 15.96 -13.49 -4.21
C ARG B 37 17.49 -13.63 -4.23
N SER B 38 18.04 -14.19 -5.31
CA SER B 38 19.49 -14.33 -5.43
C SER B 38 20.18 -12.96 -5.47
N LEU B 39 19.57 -12.02 -6.18
CA LEU B 39 20.07 -10.66 -6.26
C LEU B 39 20.07 -9.94 -4.91
N ARG B 40 19.01 -10.13 -4.12
CA ARG B 40 18.96 -9.55 -2.78
C ARG B 40 20.09 -10.08 -1.89
N LEU B 41 20.27 -11.40 -1.88
CA LEU B 41 21.24 -12.00 -0.95
C LEU B 41 22.67 -11.54 -1.30
N LEU B 42 22.99 -11.52 -2.59
CA LEU B 42 24.24 -10.94 -3.11
C LEU B 42 24.41 -9.47 -2.69
N THR B 43 23.36 -8.68 -2.89
CA THR B 43 23.41 -7.24 -2.63
C THR B 43 23.72 -6.97 -1.15
N LEU B 44 23.13 -7.76 -0.25
CA LEU B 44 23.35 -7.60 1.19
C LEU B 44 24.79 -7.81 1.67
N GLU B 45 25.62 -8.40 0.83
CA GLU B 45 27.03 -8.60 1.15
C GLU B 45 27.89 -7.43 0.69
N GLN B 46 27.29 -6.56 -0.12
CA GLN B 46 28.01 -5.41 -0.70
C GLN B 46 28.12 -4.24 0.28
N PRO B 47 29.18 -3.40 0.11
CA PRO B 47 29.19 -2.09 0.76
C PRO B 47 27.87 -1.38 0.46
N GLN B 48 27.25 -0.78 1.49
CA GLN B 48 25.96 -0.10 1.36
C GLN B 48 24.80 -1.02 0.95
N GLY B 49 25.02 -2.34 1.02
CA GLY B 49 23.97 -3.33 0.75
C GLY B 49 22.72 -3.10 1.58
N ASP B 50 22.89 -2.54 2.78
CA ASP B 50 21.76 -2.24 3.67
C ASP B 50 20.91 -1.06 3.19
N SER B 51 21.36 -0.37 2.13
CA SER B 51 20.57 0.73 1.57
C SER B 51 19.59 0.24 0.49
N MET B 52 19.65 -1.05 0.15
CA MET B 52 18.80 -1.59 -0.91
C MET B 52 17.32 -1.53 -0.53
N MET B 53 16.45 -1.58 -1.52
CA MET B 53 15.00 -1.65 -1.28
C MET B 53 14.72 -3.01 -0.63
N THR B 54 13.92 -3.03 0.43
CA THR B 54 13.58 -4.29 1.07
C THR B 54 12.64 -5.12 0.20
N CYS B 55 12.65 -6.43 0.45
CA CYS B 55 11.89 -7.35 -0.38
C CYS B 55 10.38 -7.08 -0.33
N GLU B 56 9.84 -6.76 0.85
CA GLU B 56 8.38 -6.51 0.89
C GLU B 56 8.00 -5.15 0.28
N GLN B 57 8.89 -4.16 0.34
CA GLN B 57 8.67 -2.90 -0.41
C GLN B 57 8.63 -3.17 -1.91
N ALA B 58 9.63 -3.89 -2.40
CA ALA B 58 9.69 -4.20 -3.84
C ALA B 58 8.45 -4.96 -4.32
N GLN B 59 7.99 -5.92 -3.51
CA GLN B 59 6.82 -6.71 -3.86
C GLN B 59 5.57 -5.86 -3.84
N LEU B 60 5.48 -4.92 -2.88
CA LEU B 60 4.32 -4.03 -2.85
C LEU B 60 4.27 -3.18 -4.15
N LEU B 61 5.41 -2.61 -4.50
CA LEU B 61 5.52 -1.76 -5.68
C LEU B 61 5.24 -2.54 -6.96
N ALA B 62 5.78 -3.77 -7.04
CA ALA B 62 5.53 -4.65 -8.20
C ALA B 62 4.03 -5.01 -8.30
N ASN B 63 3.45 -5.34 -7.15
CA ASN B 63 2.02 -5.61 -7.09
C ASN B 63 1.21 -4.40 -7.57
N LEU B 64 1.55 -3.19 -7.14
CA LEU B 64 0.82 -2.00 -7.58
C LEU B 64 0.98 -1.74 -9.09
N ALA B 65 2.18 -2.02 -9.60
CA ALA B 65 2.50 -1.88 -11.04
C ALA B 65 1.63 -2.85 -11.83
N ARG B 66 1.60 -4.10 -11.36
CA ARG B 66 0.72 -5.12 -11.94
C ARG B 66 -0.76 -4.73 -11.84
N LEU B 67 -1.17 -4.21 -10.68
CA LEU B 67 -2.55 -3.79 -10.47
C LEU B 67 -3.04 -2.81 -11.53
N ILE B 68 -2.20 -1.81 -11.85
CA ILE B 68 -2.60 -0.76 -12.78
C ILE B 68 -2.17 -1.09 -14.24
N GLN B 69 -1.76 -2.35 -14.45
CA GLN B 69 -1.27 -2.81 -15.76
C GLN B 69 -0.17 -1.90 -16.34
N ALA B 70 0.81 -1.54 -15.49
CA ALA B 70 1.92 -0.67 -15.91
C ALA B 70 2.66 -1.29 -17.10
N LYS B 71 3.13 -0.43 -17.99
CA LYS B 71 4.02 -0.84 -19.08
C LYS B 71 5.34 -0.06 -19.11
N LYS B 72 5.35 1.13 -18.50
CA LYS B 72 6.49 2.03 -18.55
C LYS B 72 6.78 2.50 -17.11
N ALA B 73 7.96 2.15 -16.60
CA ALA B 73 8.37 2.51 -15.24
C ALA B 73 9.67 3.28 -15.26
N LEU B 74 9.88 4.06 -14.22
CA LEU B 74 11.07 4.88 -14.07
C LEU B 74 11.64 4.57 -12.70
N ASP B 75 12.93 4.24 -12.63
CA ASP B 75 13.54 3.77 -11.40
C ASP B 75 14.81 4.58 -11.17
N LEU B 76 14.77 5.47 -10.18
CA LEU B 76 15.92 6.36 -9.91
C LEU B 76 16.77 5.79 -8.80
N GLY B 77 18.03 5.47 -9.12
CA GLY B 77 18.97 4.85 -8.18
C GLY B 77 19.00 3.34 -8.34
N THR B 78 19.65 2.88 -9.39
CA THR B 78 19.60 1.48 -9.77
C THR B 78 20.22 0.61 -8.68
N PHE B 79 21.36 1.06 -8.17
CA PHE B 79 22.22 0.26 -7.31
C PHE B 79 22.49 -1.06 -8.05
N THR B 80 22.22 -2.20 -7.43
CA THR B 80 22.40 -3.50 -8.11
C THR B 80 21.22 -3.94 -9.00
N GLY B 81 20.14 -3.16 -9.01
CA GLY B 81 19.04 -3.41 -9.92
C GLY B 81 17.87 -4.17 -9.30
N TYR B 82 17.82 -4.21 -7.97
CA TYR B 82 16.76 -4.93 -7.24
C TYR B 82 15.35 -4.38 -7.57
N SER B 83 15.16 -3.09 -7.33
CA SER B 83 13.88 -2.44 -7.65
C SER B 83 13.60 -2.49 -9.16
N ALA B 84 14.64 -2.24 -9.97
CA ALA B 84 14.46 -2.34 -11.43
C ALA B 84 13.94 -3.73 -11.82
N LEU B 85 14.53 -4.78 -11.26
CA LEU B 85 14.13 -6.15 -11.62
C LEU B 85 12.72 -6.50 -11.09
N ALA B 86 12.45 -6.11 -9.84
CA ALA B 86 11.13 -6.29 -9.24
C ALA B 86 10.04 -5.67 -10.14
N LEU B 87 10.27 -4.44 -10.59
CA LEU B 87 9.37 -3.76 -11.52
C LEU B 87 9.29 -4.50 -12.86
N ALA B 88 10.45 -4.84 -13.42
CA ALA B 88 10.50 -5.49 -14.74
C ALA B 88 9.60 -6.75 -14.77
N LEU B 89 9.71 -7.57 -13.72
CA LEU B 89 8.92 -8.81 -13.56
C LEU B 89 7.40 -8.58 -13.47
N ALA B 90 7.00 -7.37 -13.05
CA ALA B 90 5.58 -6.99 -12.96
C ALA B 90 5.00 -6.52 -14.28
N LEU B 91 5.89 -6.28 -15.26
CA LEU B 91 5.49 -5.69 -16.55
C LEU B 91 5.29 -6.79 -17.61
N PRO B 92 4.45 -6.54 -18.62
CA PRO B 92 4.31 -7.54 -19.69
C PRO B 92 5.57 -7.60 -20.55
N ALA B 93 5.57 -8.47 -21.57
CA ALA B 93 6.76 -8.67 -22.40
C ALA B 93 7.30 -7.38 -23.02
N ASP B 94 6.40 -6.49 -23.44
CA ASP B 94 6.80 -5.22 -24.05
C ASP B 94 7.01 -4.08 -23.05
N GLY B 95 6.99 -4.41 -21.76
CA GLY B 95 7.23 -3.44 -20.69
C GLY B 95 8.69 -2.98 -20.68
N ARG B 96 8.92 -1.77 -20.16
CA ARG B 96 10.27 -1.24 -20.04
C ARG B 96 10.44 -0.48 -18.73
N VAL B 97 11.58 -0.70 -18.06
CA VAL B 97 11.96 0.08 -16.88
C VAL B 97 13.18 0.92 -17.23
N VAL B 98 13.04 2.24 -17.20
CA VAL B 98 14.20 3.11 -17.40
C VAL B 98 14.81 3.31 -16.02
N THR B 99 16.00 2.77 -15.81
CA THR B 99 16.65 2.81 -14.48
C THR B 99 17.94 3.68 -14.51
N CYS B 100 18.08 4.57 -13.53
CA CYS B 100 19.12 5.63 -13.56
C CYS B 100 20.15 5.46 -12.43
N GLU B 101 21.43 5.60 -12.77
CA GLU B 101 22.52 5.33 -11.82
C GLU B 101 23.76 6.08 -12.27
N VAL B 102 24.62 6.43 -11.32
CA VAL B 102 25.89 7.09 -11.64
C VAL B 102 27.12 6.19 -11.47
N ASP B 103 27.04 5.21 -10.58
CA ASP B 103 28.11 4.23 -10.43
C ASP B 103 27.87 3.01 -11.32
N ALA B 104 28.77 2.79 -12.28
CA ALA B 104 28.67 1.65 -13.22
C ALA B 104 28.81 0.26 -12.58
N GLN B 105 29.50 0.19 -11.44
CA GLN B 105 29.87 -1.09 -10.82
C GLN B 105 28.65 -1.93 -10.30
N PRO B 106 27.83 -1.35 -9.39
CA PRO B 106 26.69 -2.12 -8.85
C PRO B 106 25.72 -2.73 -9.88
N PRO B 107 25.25 -1.95 -10.90
CA PRO B 107 24.38 -2.58 -11.91
C PRO B 107 25.01 -3.80 -12.61
N GLU B 108 26.32 -3.77 -12.80
CA GLU B 108 26.99 -4.90 -13.43
C GLU B 108 26.99 -6.16 -12.54
N LEU B 109 26.98 -5.98 -11.22
CA LEU B 109 26.71 -7.07 -10.26
C LEU B 109 25.33 -7.71 -10.43
N GLY B 110 24.30 -6.89 -10.67
CA GLY B 110 22.94 -7.40 -10.84
C GLY B 110 22.57 -7.92 -12.22
N ARG B 111 23.24 -7.40 -13.25
CA ARG B 111 22.93 -7.79 -14.63
C ARG B 111 22.81 -9.31 -14.86
N PRO B 112 23.75 -10.13 -14.34
CA PRO B 112 23.60 -11.58 -14.55
C PRO B 112 22.23 -12.11 -14.07
N LEU B 113 21.74 -11.55 -12.96
CA LEU B 113 20.43 -11.95 -12.43
C LEU B 113 19.25 -11.40 -13.23
N TRP B 114 19.39 -10.17 -13.72
CA TRP B 114 18.41 -9.66 -14.69
C TRP B 114 18.29 -10.65 -15.85
N ARG B 115 19.44 -11.17 -16.32
CA ARG B 115 19.47 -12.12 -17.44
C ARG B 115 18.80 -13.45 -17.09
N GLN B 116 19.10 -13.96 -15.90
CA GLN B 116 18.55 -15.22 -15.43
C GLN B 116 17.04 -15.16 -15.37
N ALA B 117 16.52 -14.00 -14.98
CA ALA B 117 15.08 -13.74 -14.89
C ALA B 117 14.43 -13.46 -16.25
N GLU B 118 15.25 -13.49 -17.30
CA GLU B 118 14.77 -13.24 -18.66
C GLU B 118 14.08 -11.86 -18.72
N ALA B 119 14.67 -10.90 -18.02
CA ALA B 119 14.13 -9.53 -17.93
C ALA B 119 15.15 -8.46 -18.35
N GLU B 120 16.34 -8.89 -18.78
CA GLU B 120 17.39 -7.93 -19.15
C GLU B 120 16.94 -6.99 -20.28
N HIS B 121 16.16 -7.50 -21.23
CA HIS B 121 15.70 -6.68 -22.36
C HIS B 121 14.66 -5.65 -21.96
N LYS B 122 14.07 -5.83 -20.77
CA LYS B 122 13.07 -4.90 -20.25
C LYS B 122 13.69 -3.79 -19.42
N ILE B 123 14.97 -3.95 -19.08
CA ILE B 123 15.61 -3.00 -18.19
C ILE B 123 16.57 -2.08 -18.96
N ASP B 124 16.26 -0.79 -18.98
CA ASP B 124 16.97 0.21 -19.79
C ASP B 124 17.86 1.04 -18.86
N LEU B 125 19.13 0.68 -18.76
CA LEU B 125 20.04 1.35 -17.81
C LEU B 125 20.64 2.63 -18.38
N ARG B 126 20.45 3.72 -17.67
CA ARG B 126 20.95 5.03 -18.12
C ARG B 126 21.99 5.46 -17.11
N LEU B 127 23.27 5.34 -17.48
CA LEU B 127 24.37 5.67 -16.58
C LEU B 127 24.72 7.14 -16.78
N LYS B 128 24.01 7.97 -16.04
CA LYS B 128 24.21 9.40 -15.98
C LYS B 128 23.39 9.93 -14.78
N PRO B 129 23.67 11.18 -14.33
CA PRO B 129 22.86 11.67 -13.21
C PRO B 129 21.38 11.61 -13.58
N ALA B 130 20.57 11.19 -12.62
CA ALA B 130 19.12 11.06 -12.80
C ALA B 130 18.47 12.36 -13.30
N LEU B 131 18.95 13.49 -12.80
CA LEU B 131 18.41 14.79 -13.23
C LEU B 131 18.55 14.98 -14.74
N GLU B 132 19.70 14.58 -15.29
CA GLU B 132 19.90 14.60 -16.74
C GLU B 132 18.93 13.71 -17.51
N THR B 133 18.70 12.49 -17.02
CA THR B 133 17.77 11.59 -17.71
C THR B 133 16.34 12.12 -17.63
N LEU B 134 15.94 12.55 -16.45
CA LEU B 134 14.63 13.18 -16.30
C LEU B 134 14.40 14.33 -17.27
N ASP B 135 15.36 15.26 -17.35
CA ASP B 135 15.23 16.41 -18.24
C ASP B 135 15.15 16.02 -19.71
N GLU B 136 15.90 14.99 -20.08
CA GLU B 136 15.93 14.46 -21.46
C GLU B 136 14.58 13.88 -21.84
N LEU B 137 14.03 13.06 -20.94
CA LEU B 137 12.71 12.44 -21.12
C LEU B 137 11.65 13.50 -21.34
N LEU B 138 11.74 14.60 -20.58
CA LEU B 138 10.76 15.67 -20.67
C LEU B 138 10.95 16.50 -21.95
N ALA B 139 12.20 16.77 -22.31
CA ALA B 139 12.50 17.53 -23.51
C ALA B 139 12.10 16.75 -24.78
N ALA B 140 12.07 15.43 -24.67
CA ALA B 140 11.54 14.54 -25.73
C ALA B 140 10.00 14.51 -25.81
N GLY B 141 9.33 15.26 -24.92
CA GLY B 141 7.87 15.30 -24.93
C GLY B 141 7.18 14.10 -24.27
N GLU B 142 7.90 13.40 -23.40
CA GLU B 142 7.35 12.22 -22.72
C GLU B 142 6.60 12.49 -21.39
N ALA B 143 6.27 13.75 -21.12
CA ALA B 143 5.35 14.06 -20.02
C ALA B 143 4.09 13.20 -20.11
N GLY B 144 3.62 12.71 -18.96
CA GLY B 144 2.34 12.00 -18.88
C GLY B 144 2.28 10.62 -19.54
N THR B 145 3.45 10.01 -19.76
CA THR B 145 3.54 8.68 -20.38
C THR B 145 3.99 7.51 -19.47
N PHE B 146 4.56 7.81 -18.30
CA PHE B 146 5.04 6.76 -17.38
C PHE B 146 3.94 6.31 -16.42
N ASP B 147 3.96 5.03 -16.06
CA ASP B 147 2.94 4.45 -15.18
C ASP B 147 3.39 4.41 -13.71
N VAL B 148 4.68 4.19 -13.51
CA VAL B 148 5.23 4.06 -12.16
C VAL B 148 6.57 4.76 -12.12
N ALA B 149 6.84 5.49 -11.04
CA ALA B 149 8.17 6.13 -10.83
C ALA B 149 8.63 5.84 -9.42
N VAL B 150 9.87 5.38 -9.28
CA VAL B 150 10.48 5.10 -7.98
C VAL B 150 11.68 6.05 -7.75
N VAL B 151 11.59 6.82 -6.68
CA VAL B 151 12.59 7.84 -6.35
C VAL B 151 13.46 7.33 -5.19
N ASP B 152 14.59 6.72 -5.53
CA ASP B 152 15.49 6.15 -4.50
C ASP B 152 16.96 6.38 -4.88
N ALA B 153 17.28 7.59 -5.33
CA ALA B 153 18.66 7.97 -5.62
C ALA B 153 19.23 8.77 -4.46
N ASP B 154 19.99 9.82 -4.76
CA ASP B 154 20.53 10.73 -3.76
C ASP B 154 19.41 11.59 -3.18
N LYS B 155 19.57 11.99 -1.92
CA LYS B 155 18.58 12.86 -1.26
C LYS B 155 18.74 14.35 -1.63
N GLU B 156 19.97 14.75 -1.94
CA GLU B 156 20.24 16.14 -2.32
C GLU B 156 19.35 16.70 -3.44
N ASN B 157 19.05 15.88 -4.47
CA ASN B 157 18.20 16.28 -5.60
C ASN B 157 16.76 15.73 -5.54
N CYS B 158 16.36 15.16 -4.40
CA CYS B 158 15.06 14.44 -4.38
C CYS B 158 13.85 15.34 -4.69
N SER B 159 13.89 16.64 -4.32
CA SER B 159 12.77 17.53 -4.70
C SER B 159 12.64 17.69 -6.21
N ALA B 160 13.75 17.97 -6.88
CA ALA B 160 13.79 18.04 -8.34
C ALA B 160 13.32 16.74 -8.96
N TYR B 161 13.71 15.60 -8.37
CA TYR B 161 13.29 14.30 -8.87
C TYR B 161 11.78 14.14 -8.77
N TYR B 162 11.24 14.46 -7.59
CA TYR B 162 9.80 14.38 -7.38
C TYR B 162 9.01 15.18 -8.42
N GLU B 163 9.43 16.44 -8.64
CA GLU B 163 8.69 17.30 -9.57
C GLU B 163 8.69 16.73 -11.01
N ARG B 164 9.87 16.30 -11.44
CA ARG B 164 10.05 15.76 -12.78
C ARG B 164 9.33 14.40 -12.98
N CYS B 165 9.43 13.51 -12.00
CA CYS B 165 8.68 12.23 -12.07
C CYS B 165 7.17 12.47 -12.14
N LEU B 166 6.67 13.41 -11.33
CA LEU B 166 5.24 13.72 -11.35
C LEU B 166 4.80 14.16 -12.76
N GLN B 167 5.63 14.98 -13.42
CA GLN B 167 5.26 15.44 -14.75
C GLN B 167 5.36 14.28 -15.77
N LEU B 168 6.31 13.39 -15.55
CA LEU B 168 6.48 12.22 -16.44
C LEU B 168 5.38 11.16 -16.28
N LEU B 169 4.74 11.11 -15.11
CA LEU B 169 3.66 10.15 -14.92
C LEU B 169 2.36 10.60 -15.59
N ARG B 170 1.64 9.63 -16.15
CA ARG B 170 0.26 9.85 -16.58
C ARG B 170 -0.65 10.10 -15.36
N PRO B 171 -1.80 10.76 -15.58
CA PRO B 171 -2.85 10.69 -14.53
C PRO B 171 -3.16 9.23 -14.19
N GLY B 172 -3.28 8.94 -12.90
CA GLY B 172 -3.44 7.55 -12.43
C GLY B 172 -2.11 6.81 -12.20
N GLY B 173 -0.99 7.48 -12.48
CA GLY B 173 0.32 6.90 -12.22
C GLY B 173 0.71 6.90 -10.76
N ILE B 174 1.74 6.11 -10.45
CA ILE B 174 2.22 5.94 -9.05
C ILE B 174 3.65 6.44 -8.87
N LEU B 175 3.84 7.36 -7.92
CA LEU B 175 5.14 7.94 -7.61
C LEU B 175 5.52 7.47 -6.21
N ALA B 176 6.56 6.65 -6.13
CA ALA B 176 7.03 6.11 -4.84
C ALA B 176 8.31 6.82 -4.46
N VAL B 177 8.37 7.31 -3.23
CA VAL B 177 9.62 7.86 -2.70
C VAL B 177 10.06 6.97 -1.54
N LEU B 178 11.31 6.50 -1.60
CA LEU B 178 11.81 5.62 -0.55
C LEU B 178 12.61 6.37 0.51
N ARG B 179 12.75 5.75 1.67
CA ARG B 179 13.60 6.26 2.75
C ARG B 179 13.21 7.69 3.14
N VAL B 180 11.91 7.90 3.35
CA VAL B 180 11.38 9.22 3.67
C VAL B 180 11.41 9.62 5.15
N LEU B 181 11.76 8.70 6.05
CA LEU B 181 11.88 9.04 7.46
C LEU B 181 13.33 9.25 7.90
N TRP B 182 14.26 8.83 7.05
CA TRP B 182 15.69 9.10 7.24
C TRP B 182 16.13 8.78 8.66
N ARG B 183 15.84 7.55 9.08
CA ARG B 183 16.18 7.05 10.42
C ARG B 183 15.72 7.96 11.55
N GLY B 184 14.60 8.65 11.34
CA GLY B 184 14.03 9.53 12.36
C GLY B 184 14.62 10.92 12.40
N LYS B 185 15.62 11.16 11.56
CA LYS B 185 16.27 12.47 11.48
C LYS B 185 15.37 13.56 10.91
N VAL B 186 14.30 13.17 10.21
CA VAL B 186 13.28 14.11 9.77
C VAL B 186 12.61 14.85 10.95
N LEU B 187 12.60 14.24 12.13
CA LEU B 187 12.00 14.86 13.34
C LEU B 187 12.70 16.16 13.72
N GLN B 188 14.03 16.15 13.59
CA GLN B 188 14.85 17.34 13.84
C GLN B 188 16.16 17.16 13.09
N PRO B 189 16.19 17.54 11.79
CA PRO B 189 17.42 17.32 11.01
C PRO B 189 18.57 18.05 11.70
N PRO B 190 19.69 17.33 11.98
CA PRO B 190 20.86 18.00 12.55
C PRO B 190 21.24 19.23 11.74
N LYS B 191 21.78 20.24 12.41
CA LYS B 191 22.26 21.45 11.72
C LYS B 191 23.34 21.06 10.69
N GLY B 192 23.21 21.57 9.48
CA GLY B 192 24.14 21.28 8.37
C GLY B 192 24.00 19.92 7.70
N ASP B 193 22.99 19.15 8.14
CA ASP B 193 22.73 17.84 7.52
C ASP B 193 21.85 18.05 6.30
N VAL B 194 22.50 18.26 5.16
CA VAL B 194 21.84 18.56 3.89
C VAL B 194 20.82 17.47 3.51
N ALA B 195 21.24 16.20 3.59
CA ALA B 195 20.39 15.06 3.20
C ALA B 195 19.11 15.04 4.02
N ALA B 196 19.25 15.16 5.34
CA ALA B 196 18.10 15.17 6.25
C ALA B 196 17.16 16.34 6.00
N GLU B 197 17.72 17.53 5.79
CA GLU B 197 16.92 18.70 5.47
C GLU B 197 16.18 18.49 4.15
N CYS B 198 16.88 17.86 3.19
CA CYS B 198 16.26 17.60 1.89
C CYS B 198 15.09 16.63 2.01
N VAL B 199 15.26 15.57 2.78
CA VAL B 199 14.17 14.60 3.01
C VAL B 199 12.98 15.30 3.68
N ARG B 200 13.28 16.02 4.76
CA ARG B 200 12.26 16.82 5.45
C ARG B 200 11.51 17.81 4.54
N ASN B 201 12.24 18.60 3.73
CA ASN B 201 11.64 19.56 2.82
C ASN B 201 10.69 18.90 1.81
N LEU B 202 11.11 17.78 1.23
CA LEU B 202 10.26 17.07 0.28
C LEU B 202 8.97 16.55 0.94
N ASN B 203 9.10 16.00 2.14
CA ASN B 203 7.92 15.51 2.86
C ASN B 203 6.91 16.63 3.04
N GLU B 204 7.40 17.83 3.38
CA GLU B 204 6.49 18.98 3.51
C GLU B 204 5.80 19.33 2.18
N ARG B 205 6.58 19.33 1.12
CA ARG B 205 6.03 19.63 -0.19
C ARG B 205 4.93 18.63 -0.58
N ILE B 206 5.23 17.35 -0.46
CA ILE B 206 4.26 16.29 -0.81
C ILE B 206 3.01 16.42 0.10
N ARG B 207 3.22 16.70 1.38
CA ARG B 207 2.11 16.91 2.33
C ARG B 207 1.08 17.92 1.78
N ARG B 208 1.57 19.03 1.19
CA ARG B 208 0.73 20.11 0.65
C ARG B 208 0.24 19.89 -0.78
N ASP B 209 0.76 18.87 -1.46
CA ASP B 209 0.58 18.80 -2.90
C ASP B 209 -0.82 18.34 -3.30
N VAL B 210 -1.62 19.23 -3.88
CA VAL B 210 -2.99 18.91 -4.30
C VAL B 210 -3.05 18.09 -5.61
N ARG B 211 -1.89 17.91 -6.24
CA ARG B 211 -1.80 17.18 -7.53
C ARG B 211 -1.84 15.65 -7.34
N VAL B 212 -1.71 15.24 -6.09
CA VAL B 212 -1.62 13.82 -5.73
C VAL B 212 -2.51 13.55 -4.52
N TYR B 213 -2.84 12.29 -4.31
CA TYR B 213 -3.34 11.81 -3.01
C TYR B 213 -2.33 10.81 -2.51
N ILE B 214 -2.10 10.78 -1.19
CA ILE B 214 -0.89 10.15 -0.68
C ILE B 214 -1.08 9.20 0.52
N SER B 215 -0.18 8.23 0.65
CA SER B 215 -0.06 7.39 1.83
C SER B 215 1.40 7.26 2.17
N LEU B 216 1.72 7.43 3.46
CA LEU B 216 3.07 7.21 3.95
C LEU B 216 3.02 5.93 4.81
N LEU B 217 3.87 4.97 4.47
CA LEU B 217 3.84 3.61 5.05
C LEU B 217 5.10 3.27 5.84
N PRO B 218 4.95 2.56 6.99
CA PRO B 218 6.11 2.18 7.81
C PRO B 218 6.73 0.88 7.24
N LEU B 219 7.35 1.00 6.07
CA LEU B 219 8.16 -0.06 5.49
C LEU B 219 9.55 0.50 5.26
N GLY B 220 10.57 -0.34 5.35
CA GLY B 220 11.97 0.09 5.15
C GLY B 220 12.30 1.30 6.02
N ASP B 221 12.77 2.37 5.40
CA ASP B 221 13.01 3.62 6.14
C ASP B 221 11.90 4.64 5.82
N GLY B 222 10.69 4.11 5.62
CA GLY B 222 9.53 4.93 5.31
C GLY B 222 9.34 4.95 3.81
N LEU B 223 8.09 4.73 3.40
CA LEU B 223 7.71 4.70 1.97
C LEU B 223 6.51 5.62 1.68
N THR B 224 6.70 6.57 0.79
CA THR B 224 5.61 7.42 0.36
C THR B 224 5.07 6.93 -0.99
N LEU B 225 3.76 6.74 -1.07
CA LEU B 225 3.08 6.46 -2.31
C LEU B 225 2.26 7.69 -2.62
N ALA B 226 2.56 8.31 -3.75
CA ALA B 226 1.81 9.48 -4.21
C ALA B 226 1.12 9.11 -5.52
N PHE B 227 -0.19 9.18 -5.54
CA PHE B 227 -0.98 8.78 -6.70
C PHE B 227 -1.38 10.03 -7.46
N LYS B 228 -1.06 10.06 -8.76
CA LYS B 228 -1.25 11.28 -9.54
C LYS B 228 -2.69 11.40 -10.01
N ILE B 229 -3.27 12.57 -9.76
CA ILE B 229 -4.63 12.91 -10.22
C ILE B 229 -4.67 13.20 -11.73
N SAM C . -14.48 -1.47 9.68
CA SAM C . -14.91 -0.67 10.88
C SAM C . -14.13 0.61 10.97
O SAM C . -13.20 0.79 10.18
OXT SAM C . -14.36 1.43 11.82
CB SAM C . -14.64 -1.49 12.13
CG SAM C . -15.27 -2.88 12.12
SD SAM C . -15.26 -3.58 13.81
CE SAM C . -13.53 -4.12 13.87
C5' SAM C . -16.10 -5.16 13.49
C4' SAM C . -17.59 -5.02 13.17
O4' SAM C . -18.10 -6.25 12.68
C3' SAM C . -18.37 -4.73 14.45
O3' SAM C . -19.12 -3.55 14.34
C2' SAM C . -19.29 -5.95 14.61
O2' SAM C . -20.58 -5.70 15.13
C1' SAM C . -19.40 -6.40 13.17
N9 SAM C . -19.86 -7.80 12.97
C8 SAM C . -19.72 -8.87 13.82
N7 SAM C . -20.28 -9.95 13.21
C5 SAM C . -20.78 -9.57 12.00
C6 SAM C . -21.45 -10.25 10.96
N6 SAM C . -21.72 -11.56 11.08
N1 SAM C . -21.84 -9.56 9.81
C2 SAM C . -21.56 -8.21 9.70
N3 SAM C . -20.89 -7.54 10.71
C4 SAM C . -20.50 -8.21 11.85
N SAM D . 16.82 1.12 -5.82
CA SAM D . 17.97 0.39 -5.22
C SAM D . 17.54 -1.01 -4.79
O SAM D . 16.50 -1.52 -5.23
OXT SAM D . 18.24 -1.67 -4.02
CB SAM D . 18.52 1.20 -4.06
CG SAM D . 19.05 2.58 -4.44
SD SAM D . 20.41 3.12 -3.37
CE SAM D . 19.49 3.54 -1.87
C5' SAM D . 20.80 4.76 -4.00
C4' SAM D . 21.48 4.72 -5.37
O4' SAM D . 21.39 5.99 -5.99
C3' SAM D . 22.96 4.33 -5.28
O3' SAM D . 23.25 3.18 -6.08
C2' SAM D . 23.69 5.59 -5.74
O2' SAM D . 24.92 5.37 -6.41
C1' SAM D . 22.64 6.20 -6.65
N9 SAM D . 22.82 7.64 -6.97
C8 SAM D . 23.42 8.62 -6.23
N7 SAM D . 23.34 9.78 -6.92
C5 SAM D . 22.68 9.57 -8.08
C6 SAM D . 22.31 10.39 -9.13
N6 SAM D . 22.60 11.71 -9.13
N1 SAM D . 21.62 9.84 -10.21
C2 SAM D . 21.30 8.49 -10.22
N3 SAM D . 21.66 7.67 -9.17
C4 SAM D . 22.33 8.22 -8.11
#